data_3HFK
#
_entry.id   3HFK
#
_cell.length_a   82.170
_cell.length_b   84.360
_cell.length_c   150.470
_cell.angle_alpha   90.00
_cell.angle_beta   90.00
_cell.angle_gamma   90.00
#
_symmetry.space_group_name_H-M   'C 2 2 21'
#
loop_
_entity.id
_entity.type
_entity.pdbx_description
1 polymer '4-methylmuconolactone methylisomerase'
2 non-polymer '[(2S)-2-methyl-5-oxo-2,5-dihydrofuran-2-yl]acetic acid'
3 water water
#
_entity_poly.entity_id   1
_entity_poly.type   'polypeptide(L)'
_entity_poly.pdbx_seq_one_letter_code
;PQFEKIEGRMIRILYLLVKPESMSHEQFRKECVVHFQMSAGMPGLHKYEVRLVAGNPTDTAVPYLDVGRIDAIGECWFAS
EEQYQVYMESDIRKAWFEHGKYFIGQLKPFVTEELV
;
_entity_poly.pdbx_strand_id   A,B,C,D
#
loop_
_chem_comp.id
_chem_comp.type
_chem_comp.name
_chem_comp.formula
4ML non-polymer '[(2S)-2-methyl-5-oxo-2,5-dihydrofuran-2-yl]acetic acid' 'C7 H8 O4'
#
# COMPACT_ATOMS: atom_id res chain seq x y z
N GLN A 2 7.16 15.98 34.96
CA GLN A 2 8.57 15.45 34.90
C GLN A 2 8.68 13.93 35.15
N PHE A 3 7.90 13.40 36.10
CA PHE A 3 7.74 11.95 36.24
C PHE A 3 7.17 11.34 34.96
N GLU A 4 6.10 11.93 34.44
CA GLU A 4 5.54 11.46 33.17
C GLU A 4 6.51 11.51 31.99
N LYS A 5 7.39 12.50 31.98
CA LYS A 5 8.37 12.57 30.90
C LYS A 5 9.35 11.41 30.95
N ILE A 6 9.87 11.08 32.14
CA ILE A 6 10.81 9.97 32.28
C ILE A 6 10.10 8.67 31.97
N GLU A 7 8.87 8.58 32.43
CA GLU A 7 8.00 7.44 32.17
C GLU A 7 7.79 7.19 30.68
N GLY A 8 7.59 8.28 29.93
CA GLY A 8 7.42 8.19 28.47
C GLY A 8 8.64 7.66 27.74
N ARG A 9 9.82 7.85 28.31
N ARG A 9 9.82 7.84 28.32
CA ARG A 9 11.06 7.38 27.69
CA ARG A 9 11.07 7.40 27.70
C ARG A 9 11.54 6.02 28.20
C ARG A 9 11.47 5.96 28.07
N MET A 10 10.68 5.32 28.93
CA MET A 10 10.99 3.95 29.35
C MET A 10 10.93 2.96 28.18
N ILE A 11 11.45 1.75 28.37
CA ILE A 11 11.21 0.70 27.40
C ILE A 11 9.67 0.43 27.30
N ARG A 12 9.07 0.56 26.14
CA ARG A 12 7.63 0.40 26.03
C ARG A 12 7.31 -0.56 24.87
N ILE A 13 6.45 -1.54 25.14
CA ILE A 13 5.98 -2.48 24.13
C ILE A 13 4.44 -2.32 24.04
N LEU A 14 3.94 -2.04 22.83
CA LEU A 14 2.51 -1.88 22.57
C LEU A 14 2.02 -3.13 21.87
N TYR A 15 0.85 -3.65 22.25
CA TYR A 15 0.39 -4.89 21.65
C TYR A 15 -1.00 -4.69 21.04
N LEU A 16 -1.22 -5.28 19.87
CA LEU A 16 -2.58 -5.41 19.31
C LEU A 16 -3.07 -6.80 19.71
N LEU A 17 -4.26 -6.87 20.29
N LEU A 17 -4.27 -6.88 20.27
CA LEU A 17 -4.86 -8.17 20.64
CA LEU A 17 -4.85 -8.17 20.69
C LEU A 17 -6.11 -8.39 19.78
C LEU A 17 -6.17 -8.43 19.92
N VAL A 18 -6.31 -9.64 19.37
CA VAL A 18 -7.53 -10.08 18.66
C VAL A 18 -8.05 -11.26 19.52
N LYS A 19 -9.33 -11.28 19.89
CA LYS A 19 -9.85 -12.31 20.79
C LYS A 19 -9.92 -13.65 20.06
N PRO A 20 -9.91 -14.77 20.80
CA PRO A 20 -10.16 -16.04 20.13
C PRO A 20 -11.52 -16.02 19.41
N GLU A 21 -11.56 -16.57 18.20
CA GLU A 21 -12.76 -16.58 17.37
C GLU A 21 -14.04 -16.94 18.12
N SER A 22 -13.93 -17.93 18.98
CA SER A 22 -15.05 -18.52 19.68
C SER A 22 -15.45 -17.82 20.98
N MET A 23 -14.59 -16.94 21.49
CA MET A 23 -14.90 -16.28 22.76
C MET A 23 -15.85 -15.13 22.50
N SER A 24 -16.88 -14.97 23.34
CA SER A 24 -17.82 -13.87 23.11
C SER A 24 -17.14 -12.54 23.47
N HIS A 25 -17.62 -11.45 22.90
CA HIS A 25 -17.11 -10.14 23.31
C HIS A 25 -17.34 -9.95 24.79
N GLU A 26 -18.49 -10.41 25.30
CA GLU A 26 -18.77 -10.19 26.74
C GLU A 26 -17.67 -10.82 27.60
N GLN A 27 -17.25 -12.04 27.24
CA GLN A 27 -16.25 -12.73 28.04
C GLN A 27 -14.88 -12.10 27.82
N PHE A 28 -14.59 -11.74 26.58
CA PHE A 28 -13.31 -11.11 26.25
C PHE A 28 -13.06 -9.88 27.12
N ARG A 29 -14.06 -9.00 27.26
CA ARG A 29 -13.97 -7.84 28.13
CA ARG A 29 -13.97 -7.83 28.13
C ARG A 29 -13.65 -8.23 29.59
N LYS A 30 -14.34 -9.27 30.10
CA LYS A 30 -14.07 -9.76 31.48
C LYS A 30 -12.63 -10.25 31.63
N GLU A 31 -12.15 -10.99 30.64
CA GLU A 31 -10.78 -11.50 30.69
C GLU A 31 -9.69 -10.40 30.53
N CYS A 32 -9.99 -9.31 29.82
CA CYS A 32 -9.07 -8.15 29.81
C CYS A 32 -8.93 -7.59 31.22
N VAL A 33 -10.07 -7.43 31.91
CA VAL A 33 -10.06 -6.95 33.28
C VAL A 33 -9.29 -7.86 34.22
N VAL A 34 -9.53 -9.17 34.16
CA VAL A 34 -8.72 -10.15 34.90
C VAL A 34 -7.21 -9.98 34.58
N HIS A 35 -6.86 -9.88 33.29
CA HIS A 35 -5.47 -9.71 32.86
C HIS A 35 -4.80 -8.50 33.48
N PHE A 36 -5.54 -7.39 33.60
CA PHE A 36 -5.05 -6.18 34.28
C PHE A 36 -4.85 -6.44 35.77
N GLN A 37 -5.82 -7.07 36.42
CA GLN A 37 -5.65 -7.44 37.83
C GLN A 37 -4.39 -8.26 38.04
N MET A 38 -4.15 -9.21 37.14
CA MET A 38 -2.96 -10.04 37.25
C MET A 38 -1.62 -9.27 37.06
N SER A 39 -1.67 -8.06 36.48
CA SER A 39 -0.43 -7.32 36.22
C SER A 39 0.16 -6.71 37.50
N ALA A 40 -0.69 -6.54 38.53
CA ALA A 40 -0.27 -5.87 39.75
C ALA A 40 0.87 -6.67 40.36
N GLY A 41 1.91 -5.96 40.81
CA GLY A 41 3.10 -6.60 41.36
C GLY A 41 3.89 -7.52 40.45
N MET A 42 3.66 -7.47 39.13
CA MET A 42 4.43 -8.24 38.14
C MET A 42 5.90 -7.83 38.18
N PRO A 43 6.81 -8.80 38.43
CA PRO A 43 8.21 -8.47 38.64
C PRO A 43 8.78 -7.72 37.44
N GLY A 44 9.47 -6.60 37.70
CA GLY A 44 10.15 -5.84 36.61
C GLY A 44 9.26 -4.83 35.88
N LEU A 45 7.94 -4.95 36.06
CA LEU A 45 6.99 -4.13 35.30
C LEU A 45 6.70 -2.78 35.99
N HIS A 46 6.89 -1.66 35.30
CA HIS A 46 6.52 -0.39 35.89
C HIS A 46 5.01 -0.08 35.72
N LYS A 47 4.44 -0.46 34.56
CA LYS A 47 3.06 -0.05 34.22
C LYS A 47 2.49 -0.97 33.13
N TYR A 48 1.19 -1.28 33.25
CA TYR A 48 0.46 -1.98 32.23
C TYR A 48 -0.83 -1.24 31.99
N GLU A 49 -1.27 -1.20 30.74
N GLU A 49 -1.24 -1.20 30.72
CA GLU A 49 -2.57 -0.66 30.38
CA GLU A 49 -2.54 -0.69 30.30
C GLU A 49 -3.23 -1.55 29.32
C GLU A 49 -3.22 -1.69 29.37
N VAL A 50 -4.54 -1.77 29.45
CA VAL A 50 -5.28 -2.50 28.43
C VAL A 50 -6.56 -1.73 28.16
N ARG A 51 -6.92 -1.61 26.87
CA ARG A 51 -8.12 -0.86 26.46
C ARG A 51 -8.82 -1.62 25.40
N LEU A 52 -10.16 -1.54 25.34
CA LEU A 52 -10.84 -2.09 24.14
C LEU A 52 -10.75 -1.17 22.97
N VAL A 53 -10.79 -1.74 21.76
CA VAL A 53 -11.06 -0.95 20.55
C VAL A 53 -12.57 -0.76 20.42
N ALA A 54 -13.02 0.48 20.51
CA ALA A 54 -14.45 0.80 20.53
C ALA A 54 -14.92 1.33 19.18
N GLY A 55 -14.02 2.01 18.47
CA GLY A 55 -14.37 2.60 17.19
C GLY A 55 -13.28 2.36 16.18
N ASN A 56 -13.71 2.17 14.92
CA ASN A 56 -12.84 1.98 13.78
C ASN A 56 -13.22 2.96 12.64
N PRO A 57 -12.94 4.27 12.83
CA PRO A 57 -13.34 5.21 11.76
C PRO A 57 -12.56 4.94 10.47
N THR A 58 -13.20 5.01 9.30
CA THR A 58 -12.48 4.65 8.05
C THR A 58 -12.29 5.83 7.10
N ASP A 59 -12.89 6.96 7.45
CA ASP A 59 -12.78 8.17 6.64
C ASP A 59 -11.54 8.97 7.06
N THR A 60 -10.38 8.41 6.76
CA THR A 60 -9.14 9.05 7.11
C THR A 60 -8.80 10.03 5.99
N ALA A 61 -8.15 11.13 6.36
CA ALA A 61 -7.72 12.17 5.40
C ALA A 61 -6.67 11.60 4.45
N VAL A 62 -5.85 10.69 4.97
CA VAL A 62 -4.85 9.97 4.21
C VAL A 62 -5.37 8.55 3.97
N PRO A 63 -4.79 7.80 2.99
CA PRO A 63 -5.33 6.45 2.71
C PRO A 63 -5.44 5.54 3.94
N TYR A 64 -6.56 4.82 4.00
CA TYR A 64 -6.92 4.06 5.17
C TYR A 64 -6.16 2.71 5.17
N LEU A 65 -5.57 2.35 6.31
CA LEU A 65 -4.83 1.09 6.41
C LEU A 65 -5.71 0.04 7.02
N ASP A 66 -5.98 -1.04 6.29
CA ASP A 66 -6.78 -2.11 6.84
C ASP A 66 -5.86 -3.13 7.48
N VAL A 67 -6.02 -3.34 8.78
CA VAL A 67 -5.27 -4.39 9.45
C VAL A 67 -6.25 -5.40 10.04
N GLY A 68 -7.50 -5.40 9.57
CA GLY A 68 -8.51 -6.34 10.09
C GLY A 68 -9.08 -5.91 11.43
N ARG A 69 -9.70 -6.83 12.16
CA ARG A 69 -10.39 -6.46 13.40
C ARG A 69 -9.47 -6.66 14.59
N ILE A 70 -9.18 -5.56 15.30
CA ILE A 70 -8.38 -5.63 16.52
C ILE A 70 -9.34 -5.39 17.67
N ASP A 71 -9.26 -6.22 18.70
CA ASP A 71 -10.23 -6.17 19.78
C ASP A 71 -9.76 -5.35 20.97
N ALA A 72 -8.46 -5.38 21.25
CA ALA A 72 -7.92 -4.62 22.40
C ALA A 72 -6.47 -4.20 22.10
N ILE A 73 -5.99 -3.24 22.90
CA ILE A 73 -4.62 -2.72 22.83
CA ILE A 73 -4.63 -2.71 22.83
C ILE A 73 -4.00 -2.85 24.20
N GLY A 74 -2.81 -3.49 24.26
CA GLY A 74 -2.12 -3.59 25.53
C GLY A 74 -0.83 -2.80 25.48
N GLU A 75 -0.31 -2.40 26.64
CA GLU A 75 1.01 -1.73 26.67
C GLU A 75 1.73 -2.01 28.00
N CYS A 76 3.05 -2.27 27.92
CA CYS A 76 3.89 -2.45 29.11
C CYS A 76 5.01 -1.41 29.11
N TRP A 77 5.35 -0.92 30.29
CA TRP A 77 6.45 0.04 30.47
C TRP A 77 7.45 -0.66 31.39
N PHE A 78 8.74 -0.58 31.05
CA PHE A 78 9.82 -1.14 31.88
C PHE A 78 10.85 -0.06 32.13
N ALA A 79 11.23 0.13 33.39
CA ALA A 79 12.04 1.31 33.75
C ALA A 79 13.51 1.18 33.35
N SER A 80 13.97 -0.03 33.06
CA SER A 80 15.40 -0.23 32.67
C SER A 80 15.56 -1.59 32.02
N GLU A 81 16.71 -1.75 31.36
CA GLU A 81 17.06 -3.02 30.73
CA GLU A 81 17.05 -3.01 30.73
C GLU A 81 17.09 -4.11 31.79
N GLU A 82 17.63 -3.81 32.97
CA GLU A 82 17.63 -4.84 34.02
C GLU A 82 16.22 -5.23 34.47
N GLN A 83 15.33 -4.25 34.57
CA GLN A 83 13.98 -4.56 35.03
C GLN A 83 13.27 -5.39 33.95
N TYR A 84 13.49 -5.04 32.69
CA TYR A 84 12.92 -5.87 31.62
C TYR A 84 13.42 -7.31 31.74
N GLN A 85 14.70 -7.49 32.00
CA GLN A 85 15.23 -8.84 32.23
C GLN A 85 14.62 -9.57 33.44
N VAL A 86 14.36 -8.90 34.56
CA VAL A 86 13.71 -9.52 35.72
C VAL A 86 12.31 -10.06 35.29
N TYR A 87 11.59 -9.22 34.55
CA TYR A 87 10.30 -9.59 33.97
C TYR A 87 10.42 -10.83 33.08
N MET A 88 11.28 -10.73 32.06
CA MET A 88 11.45 -11.79 31.06
C MET A 88 11.89 -13.10 31.67
N GLU A 89 12.49 -13.04 32.85
CA GLU A 89 12.90 -14.24 33.58
C GLU A 89 11.83 -14.74 34.54
N SER A 90 10.81 -13.93 34.81
CA SER A 90 9.85 -14.20 35.89
C SER A 90 8.94 -15.41 35.58
N ASP A 91 8.70 -16.23 36.62
CA ASP A 91 7.74 -17.32 36.59
C ASP A 91 6.36 -16.71 36.53
N ILE A 92 6.19 -15.64 37.30
CA ILE A 92 4.94 -14.87 37.36
C ILE A 92 4.52 -14.31 35.99
N ARG A 93 5.49 -13.90 35.17
CA ARG A 93 5.20 -13.52 33.80
CA ARG A 93 5.26 -13.53 33.75
C ARG A 93 4.71 -14.72 33.00
N LYS A 94 5.34 -15.89 33.22
CA LYS A 94 4.95 -17.11 32.53
C LYS A 94 3.48 -17.44 32.78
N ALA A 95 3.06 -17.30 34.03
CA ALA A 95 1.69 -17.50 34.46
C ALA A 95 0.73 -16.42 33.95
N TRP A 96 1.27 -15.23 33.69
CA TRP A 96 0.45 -14.17 33.12
C TRP A 96 0.17 -14.54 31.67
N PHE A 97 1.21 -14.96 30.96
CA PHE A 97 1.06 -15.39 29.57
C PHE A 97 0.16 -16.61 29.43
N GLU A 98 0.10 -17.47 30.45
CA GLU A 98 -0.85 -18.60 30.41
CA GLU A 98 -0.85 -18.60 30.39
C GLU A 98 -2.28 -18.06 30.33
N HIS A 99 -2.58 -17.03 31.13
CA HIS A 99 -3.91 -16.42 31.04
C HIS A 99 -4.05 -15.77 29.66
N GLY A 100 -3.00 -15.09 29.21
CA GLY A 100 -2.94 -14.59 27.85
C GLY A 100 -3.32 -15.61 26.79
N LYS A 101 -2.77 -16.83 26.85
CA LYS A 101 -3.11 -17.85 25.84
C LYS A 101 -4.62 -18.18 25.82
N TYR A 102 -5.27 -18.05 26.98
CA TYR A 102 -6.73 -18.29 27.11
C TYR A 102 -7.59 -17.24 26.37
N PHE A 103 -7.31 -15.96 26.55
CA PHE A 103 -8.23 -14.92 26.02
C PHE A 103 -7.65 -14.11 24.87
N ILE A 104 -6.38 -14.35 24.53
CA ILE A 104 -5.81 -13.72 23.34
C ILE A 104 -5.56 -14.72 22.23
N GLY A 105 -6.37 -14.59 21.19
CA GLY A 105 -6.26 -15.41 19.97
C GLY A 105 -5.03 -15.14 19.12
N GLN A 106 -4.74 -13.85 18.83
CA GLN A 106 -3.54 -13.46 18.08
C GLN A 106 -3.05 -12.13 18.64
N LEU A 107 -1.73 -11.93 18.56
CA LEU A 107 -1.02 -10.83 19.24
C LEU A 107 0.04 -10.27 18.33
N LYS A 108 0.06 -8.93 18.16
CA LYS A 108 1.16 -8.26 17.49
C LYS A 108 1.86 -7.29 18.48
N PRO A 109 3.14 -7.55 18.83
CA PRO A 109 3.84 -6.57 19.67
C PRO A 109 4.67 -5.60 18.83
N PHE A 110 4.68 -4.33 19.23
CA PHE A 110 5.66 -3.41 18.65
C PHE A 110 6.56 -2.93 19.79
N VAL A 111 7.87 -2.98 19.61
CA VAL A 111 8.77 -2.33 20.55
C VAL A 111 8.95 -0.91 20.05
N THR A 112 8.60 0.07 20.88
CA THR A 112 8.57 1.47 20.41
C THR A 112 9.83 2.27 20.84
N GLU A 113 10.08 3.38 20.16
CA GLU A 113 11.21 4.25 20.42
C GLU A 113 10.69 5.65 20.49
N GLU A 114 10.98 6.31 21.59
CA GLU A 114 10.52 7.69 21.82
CA GLU A 114 10.51 7.66 21.80
C GLU A 114 11.39 8.63 20.99
N LEU A 115 10.81 9.68 20.44
CA LEU A 115 11.52 10.61 19.55
C LEU A 115 11.89 11.93 20.24
N VAL A 116 11.30 12.18 21.40
CA VAL A 116 11.52 13.43 22.17
C VAL A 116 11.54 13.18 23.70
N PRO B 1 -3.89 -15.33 -34.30
CA PRO B 1 -4.93 -16.32 -34.48
C PRO B 1 -6.26 -16.01 -33.78
N GLN B 2 -7.14 -17.00 -33.75
CA GLN B 2 -8.60 -16.81 -33.53
C GLN B 2 -9.01 -16.90 -32.04
N PHE B 3 -8.34 -17.79 -31.31
CA PHE B 3 -8.28 -17.69 -29.85
C PHE B 3 -7.63 -16.35 -29.46
N GLU B 4 -6.55 -15.98 -30.14
CA GLU B 4 -5.83 -14.73 -29.79
C GLU B 4 -6.70 -13.49 -29.90
N LYS B 5 -7.61 -13.53 -30.87
CA LYS B 5 -8.56 -12.46 -31.12
C LYS B 5 -9.54 -12.32 -29.97
N ILE B 6 -10.08 -13.45 -29.53
CA ILE B 6 -11.07 -13.43 -28.45
C ILE B 6 -10.38 -13.05 -27.12
N GLU B 7 -9.22 -13.68 -26.89
CA GLU B 7 -8.38 -13.35 -25.75
C GLU B 7 -8.12 -11.83 -25.67
N GLY B 8 -7.80 -11.22 -26.81
CA GLY B 8 -7.66 -9.76 -26.88
C GLY B 8 -8.83 -8.94 -26.39
N ARG B 9 -10.06 -9.47 -26.54
CA ARG B 9 -11.25 -8.72 -26.15
C ARG B 9 -11.69 -8.99 -24.74
N MET B 10 -10.89 -9.77 -24.00
CA MET B 10 -11.24 -10.06 -22.61
C MET B 10 -11.22 -8.83 -21.73
N ILE B 11 -11.63 -8.97 -20.49
CA ILE B 11 -11.53 -7.90 -19.51
C ILE B 11 -10.07 -7.86 -19.13
N ARG B 12 -9.40 -6.75 -19.43
CA ARG B 12 -7.96 -6.68 -19.15
C ARG B 12 -7.61 -5.51 -18.27
N ILE B 13 -6.83 -5.77 -17.24
CA ILE B 13 -6.33 -4.71 -16.37
CA ILE B 13 -6.33 -4.70 -16.39
C ILE B 13 -4.81 -4.67 -16.51
N LEU B 14 -4.29 -3.47 -16.77
N LEU B 14 -4.27 -3.51 -16.85
CA LEU B 14 -2.86 -3.20 -16.95
CA LEU B 14 -2.82 -3.36 -16.90
C LEU B 14 -2.32 -2.39 -15.76
C LEU B 14 -2.41 -2.58 -15.67
N TYR B 15 -1.20 -2.84 -15.18
CA TYR B 15 -0.75 -2.24 -13.97
C TYR B 15 0.67 -1.71 -14.12
N LEU B 16 0.93 -0.51 -13.63
CA LEU B 16 2.29 -0.02 -13.42
C LEU B 16 2.72 -0.33 -11.97
N LEU B 17 3.89 -0.96 -11.81
CA LEU B 17 4.46 -1.34 -10.49
C LEU B 17 5.72 -0.53 -10.19
N VAL B 18 5.78 0.01 -8.97
CA VAL B 18 7.00 0.65 -8.49
C VAL B 18 7.48 -0.19 -7.35
N LYS B 19 8.75 -0.56 -7.35
CA LYS B 19 9.30 -1.38 -6.27
C LYS B 19 9.29 -0.60 -4.93
N PRO B 20 9.28 -1.33 -3.81
CA PRO B 20 9.36 -0.66 -2.51
C PRO B 20 10.66 0.15 -2.40
N GLU B 21 10.53 1.30 -1.76
CA GLU B 21 11.59 2.24 -1.48
C GLU B 21 12.84 1.54 -0.91
N SER B 22 12.59 0.57 -0.05
CA SER B 22 13.62 -0.13 0.69
C SER B 22 14.20 -1.39 0.04
N MET B 23 13.63 -1.80 -1.11
CA MET B 23 14.05 -3.00 -1.85
C MET B 23 14.99 -2.70 -3.01
N SER B 24 15.96 -3.60 -3.23
CA SER B 24 16.90 -3.44 -4.37
C SER B 24 16.23 -3.85 -5.67
N HIS B 25 16.68 -3.27 -6.77
N HIS B 25 16.66 -3.25 -6.77
CA HIS B 25 16.22 -3.65 -8.09
CA HIS B 25 16.23 -3.66 -8.10
C HIS B 25 16.49 -5.14 -8.38
C HIS B 25 16.38 -5.18 -8.21
N GLU B 26 17.55 -5.68 -7.80
CA GLU B 26 17.88 -7.11 -7.95
C GLU B 26 16.81 -8.00 -7.31
N GLN B 27 16.36 -7.66 -6.11
CA GLN B 27 15.41 -8.53 -5.42
C GLN B 27 14.03 -8.33 -6.02
N PHE B 28 13.75 -7.11 -6.46
CA PHE B 28 12.48 -6.84 -7.14
C PHE B 28 12.27 -7.73 -8.37
N ARG B 29 13.32 -7.87 -9.18
CA ARG B 29 13.25 -8.74 -10.35
CA ARG B 29 13.30 -8.74 -10.35
C ARG B 29 12.94 -10.19 -9.98
N LYS B 30 13.64 -10.74 -8.98
CA LYS B 30 13.33 -12.09 -8.45
C LYS B 30 11.86 -12.20 -8.00
N GLU B 31 11.36 -11.17 -7.34
CA GLU B 31 9.99 -11.24 -6.81
C GLU B 31 8.93 -11.16 -7.93
N CYS B 32 9.25 -10.46 -9.02
CA CYS B 32 8.34 -10.43 -10.21
C CYS B 32 8.20 -11.85 -10.73
N VAL B 33 9.32 -12.58 -10.81
CA VAL B 33 9.26 -14.00 -11.23
C VAL B 33 8.43 -14.84 -10.26
N VAL B 34 8.68 -14.69 -8.95
CA VAL B 34 7.88 -15.39 -7.93
C VAL B 34 6.39 -15.08 -8.09
N HIS B 35 6.08 -13.82 -8.30
CA HIS B 35 4.69 -13.42 -8.49
C HIS B 35 4.04 -14.10 -9.70
N PHE B 36 4.80 -14.21 -10.78
CA PHE B 36 4.32 -14.92 -11.93
C PHE B 36 4.04 -16.39 -11.60
N GLN B 37 4.99 -17.03 -10.92
CA GLN B 37 4.78 -18.45 -10.53
C GLN B 37 3.51 -18.58 -9.67
N MET B 38 3.25 -17.60 -8.81
CA MET B 38 2.08 -17.65 -7.93
C MET B 38 0.75 -17.47 -8.71
N SER B 39 0.86 -17.00 -9.93
CA SER B 39 -0.37 -16.76 -10.73
C SER B 39 -0.95 -18.05 -11.31
N ALA B 40 -0.13 -19.08 -11.47
CA ALA B 40 -0.62 -20.38 -11.97
C ALA B 40 -1.79 -20.91 -11.12
N GLY B 41 -2.89 -21.20 -11.79
CA GLY B 41 -4.09 -21.66 -11.13
C GLY B 41 -4.89 -20.63 -10.36
N MET B 42 -4.61 -19.33 -10.51
CA MET B 42 -5.36 -18.29 -9.80
C MET B 42 -6.83 -18.36 -10.20
N PRO B 43 -7.74 -18.53 -9.22
CA PRO B 43 -9.15 -18.74 -9.59
C PRO B 43 -9.66 -17.51 -10.38
N GLY B 44 -10.35 -17.77 -11.48
CA GLY B 44 -10.99 -16.71 -12.27
C GLY B 44 -10.04 -16.10 -13.31
N LEU B 45 -8.74 -16.35 -13.19
CA LEU B 45 -7.73 -15.66 -14.03
C LEU B 45 -7.45 -16.40 -15.34
N HIS B 46 -7.59 -15.72 -16.48
CA HIS B 46 -7.24 -16.39 -17.75
C HIS B 46 -5.76 -16.32 -18.05
N LYS B 47 -5.13 -15.19 -17.76
CA LYS B 47 -3.70 -14.99 -18.14
C LYS B 47 -3.10 -13.90 -17.26
N TYR B 48 -1.82 -14.03 -16.91
CA TYR B 48 -1.14 -12.96 -16.21
C TYR B 48 0.19 -12.76 -16.89
N GLU B 49 0.64 -11.50 -17.02
N GLU B 49 0.67 -11.51 -16.94
CA GLU B 49 2.00 -11.22 -17.52
CA GLU B 49 2.00 -11.26 -17.51
C GLU B 49 2.68 -10.24 -16.57
C GLU B 49 2.70 -10.19 -16.68
N VAL B 50 3.99 -10.38 -16.42
CA VAL B 50 4.77 -9.36 -15.73
C VAL B 50 6.08 -9.16 -16.51
N ARG B 51 6.47 -7.90 -16.67
CA ARG B 51 7.68 -7.57 -17.46
C ARG B 51 8.42 -6.45 -16.75
N LEU B 52 9.75 -6.43 -16.81
CA LEU B 52 10.48 -5.27 -16.28
C LEU B 52 10.45 -4.12 -17.29
N VAL B 53 10.54 -2.89 -16.80
CA VAL B 53 10.85 -1.73 -17.64
C VAL B 53 12.37 -1.71 -17.77
N ALA B 54 12.87 -1.94 -18.97
CA ALA B 54 14.33 -1.97 -19.24
C ALA B 54 14.87 -0.70 -19.89
N GLY B 55 13.97 0.04 -20.54
CA GLY B 55 14.39 1.28 -21.21
C GLY B 55 13.35 2.37 -21.07
N ASN B 56 13.83 3.63 -20.96
CA ASN B 56 12.95 4.76 -20.77
C ASN B 56 13.35 5.83 -21.78
N PRO B 57 13.11 5.57 -23.07
CA PRO B 57 13.57 6.58 -24.04
C PRO B 57 12.82 7.92 -23.90
N THR B 58 13.54 9.04 -23.96
CA THR B 58 12.87 10.34 -23.87
C THR B 58 12.85 11.13 -25.19
N ASP B 59 13.46 10.59 -26.23
CA ASP B 59 13.50 11.23 -27.55
C ASP B 59 12.22 10.93 -28.36
N THR B 60 11.07 11.30 -27.80
CA THR B 60 9.80 11.00 -28.45
C THR B 60 9.49 12.04 -29.54
N ALA B 61 8.75 11.60 -30.54
CA ALA B 61 8.33 12.46 -31.64
C ALA B 61 7.21 13.44 -31.23
N VAL B 62 6.49 13.12 -30.16
CA VAL B 62 5.51 14.05 -29.60
C VAL B 62 5.98 14.44 -28.21
N PRO B 63 5.36 15.46 -27.57
CA PRO B 63 5.86 15.83 -26.22
C PRO B 63 5.97 14.61 -25.27
N TYR B 64 7.10 14.51 -24.56
CA TYR B 64 7.37 13.37 -23.69
C TYR B 64 6.57 13.47 -22.40
N LEU B 65 5.98 12.37 -21.93
CA LEU B 65 5.23 12.40 -20.70
C LEU B 65 6.05 11.79 -19.56
N ASP B 66 6.27 12.57 -18.51
CA ASP B 66 7.04 12.08 -17.38
C ASP B 66 6.11 11.61 -16.29
N VAL B 67 6.10 10.30 -16.04
CA VAL B 67 5.28 9.74 -14.99
C VAL B 67 6.18 9.24 -13.84
N GLY B 68 7.44 9.64 -13.79
CA GLY B 68 8.34 9.09 -12.77
C GLY B 68 8.89 7.71 -13.15
N ARG B 69 9.51 7.03 -12.16
CA ARG B 69 10.18 5.75 -12.40
C ARG B 69 9.17 4.61 -12.21
N ILE B 70 8.90 3.88 -13.27
CA ILE B 70 8.06 2.68 -13.22
C ILE B 70 8.99 1.49 -13.37
N ASP B 71 8.91 0.53 -12.47
CA ASP B 71 9.84 -0.63 -12.52
C ASP B 71 9.32 -1.84 -13.30
N ALA B 72 8.02 -2.11 -13.26
CA ALA B 72 7.50 -3.27 -13.96
C ALA B 72 6.08 -3.01 -14.46
N ILE B 73 5.66 -3.82 -15.43
CA ILE B 73 4.31 -3.75 -15.99
CA ILE B 73 4.33 -3.76 -16.04
C ILE B 73 3.68 -5.10 -15.81
N GLY B 74 2.52 -5.13 -15.12
CA GLY B 74 1.75 -6.37 -14.95
C GLY B 74 0.45 -6.26 -15.76
N GLU B 75 -0.16 -7.40 -16.07
CA GLU B 75 -1.41 -7.38 -16.81
C GLU B 75 -2.18 -8.67 -16.50
N CYS B 76 -3.50 -8.54 -16.32
CA CYS B 76 -4.39 -9.69 -16.05
C CYS B 76 -5.52 -9.69 -17.07
N TRP B 77 -5.88 -10.89 -17.54
CA TRP B 77 -6.95 -11.13 -18.47
C TRP B 77 -8.00 -11.98 -17.75
N PHE B 78 -9.28 -11.56 -17.87
CA PHE B 78 -10.40 -12.31 -17.24
C PHE B 78 -11.41 -12.59 -18.35
N ALA B 79 -11.90 -13.82 -18.44
CA ALA B 79 -12.66 -14.20 -19.63
C ALA B 79 -14.08 -13.65 -19.63
N SER B 80 -14.58 -13.29 -18.44
CA SER B 80 -15.95 -12.84 -18.28
C SER B 80 -16.07 -12.13 -16.94
N GLU B 81 -17.18 -11.40 -16.78
CA GLU B 81 -17.50 -10.69 -15.53
CA GLU B 81 -17.47 -10.70 -15.53
C GLU B 81 -17.58 -11.65 -14.34
N GLU B 82 -18.21 -12.80 -14.56
CA GLU B 82 -18.35 -13.79 -13.49
C GLU B 82 -16.96 -14.34 -13.05
N GLN B 83 -16.09 -14.60 -14.01
CA GLN B 83 -14.73 -15.11 -13.70
C GLN B 83 -13.96 -14.06 -12.94
N TYR B 84 -14.11 -12.77 -13.31
CA TYR B 84 -13.52 -11.69 -12.53
C TYR B 84 -14.01 -11.67 -11.08
N GLN B 85 -15.32 -11.92 -10.90
CA GLN B 85 -15.90 -12.02 -9.57
C GLN B 85 -15.38 -13.24 -8.79
N VAL B 86 -15.20 -14.38 -9.47
CA VAL B 86 -14.60 -15.57 -8.84
C VAL B 86 -13.17 -15.17 -8.32
N TYR B 87 -12.34 -14.60 -9.20
CA TYR B 87 -11.06 -14.02 -8.80
C TYR B 87 -11.17 -13.04 -7.62
N MET B 88 -12.06 -12.07 -7.72
CA MET B 88 -12.19 -11.05 -6.68
C MET B 88 -12.55 -11.61 -5.32
N GLU B 89 -13.28 -12.73 -5.30
CA GLU B 89 -13.78 -13.34 -4.06
C GLU B 89 -12.81 -14.38 -3.49
N SER B 90 -11.81 -14.73 -4.26
CA SER B 90 -10.92 -15.81 -3.91
C SER B 90 -9.89 -15.45 -2.79
N ASP B 91 -9.73 -16.37 -1.83
CA ASP B 91 -8.68 -16.31 -0.78
C ASP B 91 -7.27 -16.40 -1.39
N ILE B 92 -7.15 -17.17 -2.46
CA ILE B 92 -5.88 -17.33 -3.19
C ILE B 92 -5.39 -16.02 -3.80
N ARG B 93 -6.30 -15.24 -4.38
CA ARG B 93 -6.01 -13.88 -4.78
C ARG B 93 -5.50 -13.07 -3.58
N LYS B 94 -6.18 -13.16 -2.43
CA LYS B 94 -5.71 -12.45 -1.24
C LYS B 94 -4.29 -12.86 -0.87
N ALA B 95 -4.03 -14.16 -0.89
CA ALA B 95 -2.67 -14.69 -0.71
C ALA B 95 -1.68 -14.13 -1.76
N TRP B 96 -2.07 -14.10 -3.02
CA TRP B 96 -1.25 -13.44 -4.08
C TRP B 96 -0.93 -11.99 -3.75
N PHE B 97 -1.96 -11.25 -3.33
CA PHE B 97 -1.77 -9.84 -2.90
C PHE B 97 -0.89 -9.69 -1.68
N GLU B 98 -0.85 -10.70 -0.82
CA GLU B 98 0.07 -10.64 0.31
C GLU B 98 1.50 -10.63 -0.18
N HIS B 99 1.79 -11.45 -1.18
CA HIS B 99 3.11 -11.38 -1.86
C HIS B 99 3.34 -10.02 -2.53
N GLY B 100 2.31 -9.48 -3.19
CA GLY B 100 2.36 -8.11 -3.71
C GLY B 100 2.73 -7.03 -2.70
N LYS B 101 2.27 -7.18 -1.46
CA LYS B 101 2.67 -6.22 -0.41
C LYS B 101 4.17 -6.19 -0.15
N TYR B 102 4.79 -7.36 -0.27
CA TYR B 102 6.22 -7.51 -0.11
C TYR B 102 7.06 -6.81 -1.21
N PHE B 103 6.72 -6.99 -2.49
CA PHE B 103 7.58 -6.46 -3.56
C PHE B 103 6.98 -5.35 -4.42
N ILE B 104 5.73 -4.94 -4.18
CA ILE B 104 5.17 -3.79 -4.90
C ILE B 104 4.93 -2.62 -3.94
N GLY B 105 5.74 -1.58 -4.10
CA GLY B 105 5.63 -0.38 -3.26
C GLY B 105 4.41 0.45 -3.61
N GLN B 106 4.21 0.72 -4.90
CA GLN B 106 3.06 1.50 -5.38
C GLN B 106 2.51 0.85 -6.65
N LEU B 107 1.20 1.04 -6.86
CA LEU B 107 0.46 0.35 -7.93
C LEU B 107 -0.53 1.28 -8.63
N LYS B 108 -0.43 1.38 -9.96
CA LYS B 108 -1.42 2.08 -10.76
C LYS B 108 -2.17 1.09 -11.67
N PRO B 109 -3.49 0.84 -11.40
CA PRO B 109 -4.28 -0.01 -12.33
C PRO B 109 -4.99 0.76 -13.43
N PHE B 110 -4.94 0.25 -14.66
CA PHE B 110 -5.79 0.74 -15.75
C PHE B 110 -6.73 -0.36 -16.21
N VAL B 111 -8.03 -0.15 -16.08
CA VAL B 111 -8.96 -1.08 -16.71
C VAL B 111 -9.06 -0.62 -18.16
N THR B 112 -8.74 -1.50 -19.12
CA THR B 112 -8.68 -1.07 -20.51
C THR B 112 -9.95 -1.45 -21.27
N GLU B 113 -10.13 -0.88 -22.47
CA GLU B 113 -11.27 -1.20 -23.31
C GLU B 113 -10.73 -1.42 -24.69
N GLU B 114 -11.05 -2.57 -25.28
CA GLU B 114 -10.55 -2.89 -26.63
CA GLU B 114 -10.57 -2.88 -26.62
C GLU B 114 -11.42 -2.14 -27.63
N LEU B 115 -10.83 -1.78 -28.75
CA LEU B 115 -11.48 -0.94 -29.76
C LEU B 115 -11.74 -1.65 -31.08
N VAL B 116 -11.25 -2.87 -31.22
CA VAL B 116 -11.36 -3.63 -32.48
C VAL B 116 -11.47 -5.13 -32.14
N GLY C 8 15.28 -15.65 -27.18
CA GLY C 8 15.09 -15.11 -28.56
C GLY C 8 13.69 -14.51 -28.63
N ARG C 9 13.46 -13.50 -27.79
CA ARG C 9 12.10 -13.00 -27.61
C ARG C 9 11.81 -11.73 -28.37
N MET C 10 10.52 -11.45 -28.48
CA MET C 10 10.04 -10.31 -29.18
C MET C 10 10.43 -9.02 -28.42
N ILE C 11 10.93 -8.03 -29.14
CA ILE C 11 11.05 -6.69 -28.57
C ILE C 11 9.65 -6.09 -28.42
N ARG C 12 9.35 -5.54 -27.24
CA ARG C 12 8.01 -4.96 -27.02
C ARG C 12 8.18 -3.57 -26.39
N ILE C 13 7.43 -2.59 -26.87
CA ILE C 13 7.46 -1.25 -26.28
C ILE C 13 6.00 -0.92 -26.00
N LEU C 14 5.72 -0.57 -24.75
CA LEU C 14 4.36 -0.20 -24.31
C LEU C 14 4.30 1.32 -24.14
N TYR C 15 3.18 1.95 -24.51
CA TYR C 15 3.10 3.40 -24.47
C TYR C 15 1.91 3.89 -23.68
N LEU C 16 2.11 4.90 -22.84
CA LEU C 16 0.95 5.64 -22.33
C LEU C 16 0.70 6.81 -23.22
N LEU C 17 -0.57 7.00 -23.59
CA LEU C 17 -1.01 8.05 -24.56
C LEU C 17 -1.90 9.05 -23.86
N VAL C 18 -1.63 10.34 -24.05
CA VAL C 18 -2.55 11.37 -23.54
C VAL C 18 -3.02 12.15 -24.75
N LYS C 19 -4.33 12.36 -24.91
CA LYS C 19 -4.82 13.01 -26.11
C LYS C 19 -4.46 14.51 -26.09
N PRO C 20 -4.47 15.17 -27.25
CA PRO C 20 -4.23 16.62 -27.24
C PRO C 20 -5.43 17.32 -26.57
N GLU C 21 -5.17 18.38 -25.83
CA GLU C 21 -6.29 19.04 -25.14
C GLU C 21 -7.41 19.52 -26.11
N SER C 22 -7.02 19.85 -27.33
CA SER C 22 -7.94 20.34 -28.36
C SER C 22 -8.80 19.26 -29.04
N MET C 23 -8.46 17.98 -28.86
CA MET C 23 -9.23 16.90 -29.45
C MET C 23 -10.22 16.33 -28.43
N SER C 24 -11.45 16.11 -28.85
CA SER C 24 -12.47 15.53 -27.96
C SER C 24 -12.13 14.06 -27.65
N HIS C 25 -12.64 13.54 -26.54
CA HIS C 25 -12.46 12.14 -26.23
C HIS C 25 -12.99 11.25 -27.35
N GLU C 26 -14.15 11.61 -27.92
CA GLU C 26 -14.72 10.80 -29.01
C GLU C 26 -13.83 10.83 -30.24
N GLN C 27 -13.29 12.00 -30.57
CA GLN C 27 -12.46 12.11 -31.76
C GLN C 27 -11.16 11.30 -31.53
N PHE C 28 -10.64 11.37 -30.31
CA PHE C 28 -9.45 10.58 -29.94
C PHE C 28 -9.66 9.08 -30.11
N ARG C 29 -10.81 8.55 -29.62
CA ARG C 29 -11.21 7.16 -29.82
CA ARG C 29 -11.20 7.15 -29.82
C ARG C 29 -11.18 6.81 -31.32
N LYS C 30 -11.80 7.66 -32.13
CA LYS C 30 -11.86 7.38 -33.56
CA LYS C 30 -11.86 7.48 -33.59
C LYS C 30 -10.44 7.40 -34.17
N GLU C 31 -9.58 8.30 -33.73
CA GLU C 31 -8.23 8.33 -34.28
C GLU C 31 -7.38 7.10 -33.84
N CYS C 32 -7.62 6.57 -32.62
CA CYS C 32 -6.94 5.34 -32.18
C CYS C 32 -7.27 4.21 -33.15
N VAL C 33 -8.53 4.14 -33.56
CA VAL C 33 -8.98 3.09 -34.46
C VAL C 33 -8.31 3.25 -35.84
N VAL C 34 -8.23 4.49 -36.31
CA VAL C 34 -7.62 4.73 -37.62
C VAL C 34 -6.15 4.33 -37.52
N HIS C 35 -5.57 4.64 -36.36
CA HIS C 35 -4.13 4.36 -36.16
C HIS C 35 -3.87 2.87 -36.25
N PHE C 36 -4.74 2.10 -35.61
CA PHE C 36 -4.64 0.66 -35.74
C PHE C 36 -4.82 0.20 -37.21
N GLN C 37 -5.83 0.72 -37.91
CA GLN C 37 -6.05 0.30 -39.29
C GLN C 37 -4.82 0.67 -40.15
N MET C 38 -4.23 1.87 -39.96
CA MET C 38 -3.00 2.24 -40.72
C MET C 38 -1.83 1.26 -40.53
N SER C 39 -1.80 0.60 -39.38
CA SER C 39 -0.62 -0.21 -38.99
C SER C 39 -0.52 -1.58 -39.71
N ALA C 40 -1.56 -1.96 -40.43
CA ALA C 40 -1.64 -3.29 -41.02
C ALA C 40 -0.45 -3.45 -41.99
N GLY C 41 0.28 -4.54 -41.86
CA GLY C 41 1.40 -4.81 -42.78
C GLY C 41 2.53 -3.81 -42.75
N MET C 42 2.59 -3.00 -41.70
CA MET C 42 3.68 -2.04 -41.43
C MET C 42 5.06 -2.77 -41.42
N PRO C 43 6.02 -2.27 -42.21
CA PRO C 43 7.35 -2.95 -42.30
C PRO C 43 8.00 -3.12 -40.94
N GLY C 44 8.50 -4.32 -40.67
CA GLY C 44 9.23 -4.57 -39.41
C GLY C 44 8.35 -4.82 -38.18
N LEU C 45 7.06 -4.52 -38.28
CA LEU C 45 6.20 -4.56 -37.08
C LEU C 45 5.52 -5.91 -36.96
N HIS C 46 5.68 -6.58 -35.83
CA HIS C 46 4.98 -7.86 -35.68
C HIS C 46 3.51 -7.66 -35.33
N LYS C 47 3.27 -6.65 -34.49
CA LYS C 47 1.91 -6.39 -33.98
C LYS C 47 1.84 -4.99 -33.40
N TYR C 48 0.66 -4.37 -33.57
CA TYR C 48 0.33 -3.14 -32.83
C TYR C 48 -0.99 -3.35 -32.12
N GLU C 49 -1.07 -2.83 -30.90
CA GLU C 49 -2.37 -2.81 -30.18
C GLU C 49 -2.60 -1.47 -29.54
N VAL C 50 -3.85 -1.00 -29.57
CA VAL C 50 -4.22 0.24 -28.88
C VAL C 50 -5.55 0.04 -28.16
N ARG C 51 -5.60 0.46 -26.90
N ARG C 51 -5.63 0.52 -26.92
CA ARG C 51 -6.82 0.34 -26.09
CA ARG C 51 -6.82 0.34 -26.09
C ARG C 51 -7.09 1.68 -25.43
C ARG C 51 -7.09 1.61 -25.30
N LEU C 52 -8.36 2.00 -25.14
CA LEU C 52 -8.64 3.12 -24.26
C LEU C 52 -8.49 2.71 -22.81
N VAL C 53 -8.13 3.69 -21.99
CA VAL C 53 -8.32 3.58 -20.54
C VAL C 53 -9.78 3.88 -20.19
N ALA C 54 -10.49 2.84 -19.78
CA ALA C 54 -11.93 2.93 -19.41
C ALA C 54 -12.16 3.08 -17.91
N GLY C 55 -11.21 2.69 -17.06
CA GLY C 55 -11.39 2.84 -15.60
C GLY C 55 -10.11 3.07 -14.84
N ASN C 56 -10.24 3.80 -13.73
CA ASN C 56 -9.10 4.16 -12.89
C ASN C 56 -9.38 3.87 -11.44
N PRO C 57 -9.49 2.60 -11.11
CA PRO C 57 -9.83 2.24 -9.72
C PRO C 57 -8.69 2.63 -8.75
N THR C 58 -9.01 3.30 -7.64
CA THR C 58 -7.94 3.74 -6.71
C THR C 58 -7.87 2.91 -5.41
N ASP C 59 -8.80 1.97 -5.24
CA ASP C 59 -8.86 1.11 -4.03
C ASP C 59 -7.82 -0.04 -4.07
N THR C 60 -6.55 0.30 -4.19
CA THR C 60 -5.52 -0.73 -4.32
C THR C 60 -5.13 -1.37 -2.97
N ALA C 61 -4.68 -2.62 -3.00
CA ALA C 61 -4.26 -3.31 -1.77
C ALA C 61 -2.83 -2.90 -1.33
N VAL C 62 -2.08 -2.25 -2.21
CA VAL C 62 -0.80 -1.64 -1.83
C VAL C 62 -0.98 -0.15 -2.13
N PRO C 63 -0.07 0.73 -1.68
CA PRO C 63 -0.32 2.15 -2.01
C PRO C 63 -0.62 2.45 -3.52
N TYR C 64 -1.63 3.27 -3.72
CA TYR C 64 -2.05 3.70 -5.04
C TYR C 64 -1.05 4.70 -5.61
N LEU C 65 -0.75 4.56 -6.91
CA LEU C 65 0.16 5.45 -7.63
C LEU C 65 -0.65 6.31 -8.58
N ASP C 66 -0.59 7.62 -8.40
N ASP C 66 -0.62 7.63 -8.38
CA ASP C 66 -1.34 8.54 -9.27
CA ASP C 66 -1.33 8.53 -9.27
C ASP C 66 -0.41 9.11 -10.35
C ASP C 66 -0.33 8.96 -10.33
N VAL C 67 -0.68 8.75 -11.60
CA VAL C 67 0.18 9.14 -12.71
C VAL C 67 -0.54 10.16 -13.57
N GLY C 68 -1.65 10.73 -13.08
CA GLY C 68 -2.44 11.62 -13.92
C GLY C 68 -3.46 10.91 -14.79
N ARG C 69 -4.08 11.67 -15.72
CA ARG C 69 -5.08 11.11 -16.62
C ARG C 69 -4.37 10.56 -17.88
N ILE C 70 -4.43 9.24 -18.04
CA ILE C 70 -3.90 8.60 -19.26
C ILE C 70 -5.11 8.15 -20.09
N ASP C 71 -5.13 8.46 -21.37
CA ASP C 71 -6.30 8.23 -22.20
C ASP C 71 -6.30 6.87 -22.92
N ALA C 72 -5.13 6.38 -23.29
CA ALA C 72 -5.01 5.14 -24.07
C ALA C 72 -3.63 4.49 -23.83
N ILE C 73 -3.56 3.19 -24.10
CA ILE C 73 -2.32 2.38 -23.95
C ILE C 73 -2.01 1.83 -25.33
N GLY C 74 -0.81 2.07 -25.84
CA GLY C 74 -0.41 1.57 -27.15
C GLY C 74 0.71 0.55 -26.93
N GLU C 75 0.86 -0.39 -27.85
CA GLU C 75 1.97 -1.39 -27.70
C GLU C 75 2.47 -1.86 -29.04
N CYS C 76 3.81 -1.96 -29.19
CA CYS C 76 4.37 -2.46 -30.48
C CYS C 76 5.21 -3.71 -30.16
N TRP C 77 5.16 -4.72 -31.04
CA TRP C 77 5.96 -5.93 -30.93
C TRP C 77 6.87 -6.02 -32.18
N PHE C 78 8.17 -6.33 -32.02
CA PHE C 78 9.06 -6.58 -33.16
C PHE C 78 9.77 -7.94 -32.94
N ALA C 79 9.88 -8.72 -33.99
CA ALA C 79 10.34 -10.13 -33.86
C ALA C 79 11.84 -10.21 -33.69
N SER C 80 12.57 -9.15 -34.03
CA SER C 80 14.07 -9.14 -33.97
C SER C 80 14.61 -7.73 -34.03
N GLU C 81 15.89 -7.58 -33.69
CA GLU C 81 16.57 -6.29 -33.85
C GLU C 81 16.55 -5.88 -35.31
N GLU C 82 16.71 -6.84 -36.23
CA GLU C 82 16.70 -6.43 -37.64
C GLU C 82 15.32 -5.87 -38.02
N GLN C 83 14.26 -6.53 -37.55
CA GLN C 83 12.89 -6.04 -37.89
C GLN C 83 12.70 -4.63 -37.32
N TYR C 84 13.22 -4.38 -36.10
CA TYR C 84 13.13 -3.04 -35.56
C TYR C 84 13.85 -2.04 -36.43
N GLN C 85 15.02 -2.38 -36.98
CA GLN C 85 15.71 -1.42 -37.91
C GLN C 85 14.89 -1.13 -39.15
N VAL C 86 14.37 -2.21 -39.76
CA VAL C 86 13.51 -2.09 -40.96
C VAL C 86 12.36 -1.11 -40.69
N TYR C 87 11.72 -1.31 -39.54
CA TYR C 87 10.60 -0.45 -39.09
C TYR C 87 11.07 0.98 -38.97
N MET C 88 12.19 1.22 -38.28
CA MET C 88 12.70 2.59 -38.16
C MET C 88 13.06 3.23 -39.52
N GLU C 89 13.49 2.44 -40.52
CA GLU C 89 13.83 3.02 -41.86
C GLU C 89 12.64 3.33 -42.75
N SER C 90 11.47 2.81 -42.39
CA SER C 90 10.29 2.78 -43.30
C SER C 90 9.60 4.12 -43.50
N ASP C 91 9.43 4.54 -44.75
CA ASP C 91 8.69 5.79 -45.05
C ASP C 91 7.23 5.74 -44.58
N ILE C 92 6.59 4.58 -44.67
CA ILE C 92 5.20 4.51 -44.25
C ILE C 92 5.11 4.59 -42.72
N ARG C 93 6.12 4.07 -42.03
CA ARG C 93 6.18 4.22 -40.59
C ARG C 93 6.33 5.69 -40.22
N LYS C 94 7.18 6.42 -40.93
CA LYS C 94 7.32 7.85 -40.65
C LYS C 94 5.98 8.56 -40.85
N ALA C 95 5.23 8.19 -41.88
CA ALA C 95 3.91 8.80 -42.16
C ALA C 95 2.93 8.38 -41.05
N TRP C 96 3.00 7.12 -40.61
CA TRP C 96 2.17 6.69 -39.47
C TRP C 96 2.46 7.52 -38.23
N PHE C 97 3.74 7.79 -37.93
CA PHE C 97 4.09 8.70 -36.81
C PHE C 97 3.54 10.13 -37.01
N GLU C 98 3.42 10.59 -38.25
CA GLU C 98 2.78 11.91 -38.50
C GLU C 98 1.31 11.87 -38.09
N HIS C 99 0.66 10.73 -38.29
CA HIS C 99 -0.69 10.56 -37.72
C HIS C 99 -0.65 10.61 -36.20
N GLY C 100 0.34 9.94 -35.59
CA GLY C 100 0.61 10.03 -34.15
C GLY C 100 0.69 11.46 -33.63
N LYS C 101 1.40 12.32 -34.35
CA LYS C 101 1.54 13.71 -33.96
CA LYS C 101 1.55 13.73 -34.00
C LYS C 101 0.21 14.46 -33.88
N TYR C 102 -0.74 14.05 -34.71
CA TYR C 102 -2.06 14.63 -34.75
C TYR C 102 -2.96 14.18 -33.58
N PHE C 103 -2.94 12.89 -33.21
CA PHE C 103 -3.90 12.41 -32.18
C PHE C 103 -3.29 12.09 -30.81
N ILE C 104 -1.96 12.11 -30.72
CA ILE C 104 -1.28 11.94 -29.45
C ILE C 104 -0.64 13.21 -28.92
N GLY C 105 -1.19 13.78 -27.86
CA GLY C 105 -0.60 15.01 -27.26
C GLY C 105 0.68 14.82 -26.45
N GLN C 106 0.72 13.77 -25.64
CA GLN C 106 1.91 13.43 -24.85
C GLN C 106 2.07 11.90 -24.82
N LEU C 107 3.31 11.45 -24.65
CA LEU C 107 3.62 10.02 -24.86
C LEU C 107 4.66 9.56 -23.88
N LYS C 108 4.46 8.42 -23.23
CA LYS C 108 5.47 7.79 -22.37
C LYS C 108 5.75 6.38 -22.92
N PRO C 109 6.95 6.15 -23.49
CA PRO C 109 7.38 4.81 -23.94
C PRO C 109 8.07 4.00 -22.84
N PHE C 110 7.77 2.70 -22.74
CA PHE C 110 8.52 1.81 -21.85
C PHE C 110 9.03 0.69 -22.74
N VAL C 111 10.35 0.54 -22.88
CA VAL C 111 10.87 -0.66 -23.47
C VAL C 111 10.86 -1.77 -22.39
N THR C 112 10.17 -2.87 -22.68
CA THR C 112 10.04 -3.90 -21.68
C THR C 112 11.03 -5.06 -21.83
N GLU C 113 11.11 -5.87 -20.80
CA GLU C 113 11.96 -7.06 -20.84
C GLU C 113 11.17 -8.20 -20.24
N GLU C 114 11.17 -9.34 -20.93
CA GLU C 114 10.55 -10.56 -20.41
C GLU C 114 11.35 -11.16 -19.27
N LEU C 115 10.61 -11.82 -18.39
CA LEU C 115 11.16 -12.39 -17.15
C LEU C 115 10.99 -13.88 -17.13
N VAL C 116 9.99 -14.34 -17.85
CA VAL C 116 9.72 -15.75 -17.87
C VAL C 116 9.54 -16.16 -19.30
N ARG D 9 -14.99 10.80 30.68
CA ARG D 9 -13.52 10.79 30.97
C ARG D 9 -12.71 11.01 29.66
N MET D 10 -11.47 10.51 29.59
CA MET D 10 -10.52 10.97 28.55
C MET D 10 -10.65 10.21 27.22
N ILE D 11 -11.01 10.92 26.15
CA ILE D 11 -11.09 10.29 24.85
C ILE D 11 -9.66 10.03 24.36
N ARG D 12 -9.39 8.81 23.89
CA ARG D 12 -8.07 8.46 23.30
C ARG D 12 -8.23 7.78 21.96
N ILE D 13 -7.43 8.22 20.99
CA ILE D 13 -7.39 7.62 19.66
C ILE D 13 -5.93 7.29 19.36
N LEU D 14 -5.67 6.01 19.10
CA LEU D 14 -4.34 5.49 18.78
C LEU D 14 -4.28 5.23 17.30
N TYR D 15 -3.11 5.50 16.69
CA TYR D 15 -2.96 5.42 15.24
C TYR D 15 -1.77 4.59 14.85
N LEU D 16 -1.95 3.71 13.84
CA LEU D 16 -0.81 3.05 13.18
C LEU D 16 -0.44 3.89 11.96
N LEU D 17 0.83 4.32 11.85
CA LEU D 17 1.30 5.13 10.71
CA LEU D 17 1.31 5.14 10.72
C LEU D 17 2.25 4.36 9.82
N VAL D 18 2.05 4.46 8.51
CA VAL D 18 2.98 3.92 7.51
C VAL D 18 3.47 5.13 6.70
N LYS D 19 4.79 5.26 6.55
CA LYS D 19 5.35 6.36 5.76
C LYS D 19 5.02 6.21 4.25
N PRO D 20 5.05 7.33 3.52
CA PRO D 20 4.83 7.32 2.08
C PRO D 20 6.01 6.59 1.42
N GLU D 21 5.73 5.88 0.35
CA GLU D 21 6.77 5.18 -0.41
C GLU D 21 7.77 6.11 -1.04
N SER D 22 7.41 7.38 -1.21
CA SER D 22 8.37 8.36 -1.72
C SER D 22 9.39 8.90 -0.65
N MET D 23 9.26 8.43 0.59
CA MET D 23 10.03 9.00 1.69
C MET D 23 10.95 7.94 2.29
N SER D 24 12.15 8.32 2.70
CA SER D 24 13.07 7.43 3.37
C SER D 24 12.66 7.30 4.83
N HIS D 25 13.19 6.26 5.49
CA HIS D 25 12.97 6.03 6.91
CA HIS D 25 12.92 6.05 6.90
C HIS D 25 13.42 7.24 7.72
N GLU D 26 14.62 7.74 7.42
CA GLU D 26 15.17 8.91 8.11
C GLU D 26 14.35 10.20 7.93
N GLN D 27 13.91 10.47 6.71
CA GLN D 27 13.01 11.60 6.43
CA GLN D 27 13.05 11.64 6.50
C GLN D 27 11.75 11.51 7.27
N PHE D 28 11.17 10.31 7.28
CA PHE D 28 9.96 10.05 8.05
C PHE D 28 10.14 10.37 9.56
N ARG D 29 11.25 9.88 10.12
CA ARG D 29 11.61 10.17 11.50
CA ARG D 29 11.60 10.16 11.51
C ARG D 29 11.64 11.67 11.76
N LYS D 30 12.24 12.43 10.84
CA LYS D 30 12.33 13.88 10.99
C LYS D 30 10.95 14.53 10.94
N GLU D 31 10.08 14.04 10.05
CA GLU D 31 8.70 14.56 9.97
C GLU D 31 7.85 14.22 11.20
N CYS D 32 8.06 13.04 11.79
CA CYS D 32 7.41 12.72 13.06
C CYS D 32 7.74 13.79 14.11
N VAL D 33 9.01 14.17 14.20
CA VAL D 33 9.46 15.14 15.20
C VAL D 33 8.82 16.49 14.92
N VAL D 34 8.82 16.89 13.65
CA VAL D 34 8.19 18.16 13.25
C VAL D 34 6.69 18.11 13.65
N HIS D 35 6.06 16.95 13.44
CA HIS D 35 4.62 16.83 13.68
C HIS D 35 4.33 16.98 15.15
N PHE D 36 5.23 16.44 15.98
CA PHE D 36 5.07 16.62 17.41
C PHE D 36 5.22 18.11 17.83
N GLN D 37 6.27 18.75 17.32
CA GLN D 37 6.49 20.15 17.58
C GLN D 37 5.30 21.03 17.17
N MET D 38 4.70 20.77 16.00
CA MET D 38 3.54 21.54 15.53
C MET D 38 2.34 21.43 16.48
N SER D 39 2.24 20.28 17.17
CA SER D 39 1.06 19.98 18.04
C SER D 39 0.99 20.78 19.32
N ALA D 40 2.09 21.44 19.74
CA ALA D 40 2.12 22.18 21.01
C ALA D 40 0.99 23.22 21.08
N GLY D 41 0.22 23.18 22.15
CA GLY D 41 -0.87 24.17 22.35
C GLY D 41 -2.00 24.05 21.31
N MET D 42 -2.13 22.89 20.67
CA MET D 42 -3.22 22.67 19.71
C MET D 42 -4.57 22.86 20.43
N PRO D 43 -5.51 23.69 19.90
CA PRO D 43 -6.85 23.84 20.53
C PRO D 43 -7.54 22.49 20.71
N GLY D 44 -8.09 22.23 21.90
CA GLY D 44 -8.91 21.05 22.15
C GLY D 44 -8.10 19.79 22.51
N LEU D 45 -6.76 19.82 22.31
CA LEU D 45 -5.96 18.63 22.42
C LEU D 45 -5.32 18.55 23.81
N HIS D 46 -5.54 17.47 24.51
CA HIS D 46 -4.85 17.31 25.82
C HIS D 46 -3.38 16.89 25.68
N LYS D 47 -3.14 15.93 24.79
CA LYS D 47 -1.76 15.42 24.60
C LYS D 47 -1.66 14.78 23.22
N TYR D 48 -0.49 14.88 22.57
CA TYR D 48 -0.20 14.07 21.39
C TYR D 48 1.12 13.33 21.64
N GLU D 49 1.23 12.09 21.19
CA GLU D 49 2.51 11.39 21.26
C GLU D 49 2.73 10.62 19.97
N VAL D 50 3.98 10.66 19.49
CA VAL D 50 4.36 9.88 18.33
C VAL D 50 5.71 9.15 18.65
N ARG D 51 5.76 7.85 18.36
CA ARG D 51 6.96 7.03 18.60
CA ARG D 51 6.99 7.08 18.56
C ARG D 51 7.22 6.18 17.35
N LEU D 52 8.47 5.90 17.06
CA LEU D 52 8.78 4.92 16.04
C LEU D 52 8.54 3.49 16.48
N VAL D 53 8.24 2.63 15.49
CA VAL D 53 8.37 1.21 15.72
C VAL D 53 9.80 0.82 15.51
N ALA D 54 10.46 0.42 16.59
CA ALA D 54 11.90 0.08 16.54
C ALA D 54 12.16 -1.40 16.48
N GLY D 55 11.18 -2.20 16.88
CA GLY D 55 11.36 -3.63 16.96
C GLY D 55 10.07 -4.34 16.66
N ASN D 56 10.18 -5.45 15.94
CA ASN D 56 9.05 -6.29 15.59
C ASN D 56 9.32 -7.74 16.01
N PRO D 57 9.36 -7.98 17.32
CA PRO D 57 9.59 -9.36 17.76
C PRO D 57 8.50 -10.31 17.21
N THR D 58 8.84 -11.52 16.76
CA THR D 58 7.81 -12.42 16.19
C THR D 58 7.72 -13.70 17.01
N ASP D 59 8.60 -13.73 17.98
CA ASP D 59 8.81 -14.83 18.89
C ASP D 59 7.74 -14.85 20.02
N THR D 60 6.48 -14.63 19.66
CA THR D 60 5.40 -14.45 20.63
C THR D 60 4.95 -15.78 21.30
N ALA D 61 4.46 -15.71 22.55
CA ALA D 61 4.00 -16.90 23.32
C ALA D 61 2.52 -17.27 23.11
N VAL D 62 1.81 -16.42 22.36
CA VAL D 62 0.54 -16.76 21.72
C VAL D 62 0.73 -16.54 20.19
N PRO D 63 -0.21 -17.02 19.36
CA PRO D 63 -0.01 -16.88 17.90
C PRO D 63 0.28 -15.45 17.41
N TYR D 64 1.33 -15.31 16.58
CA TYR D 64 1.79 -14.01 16.08
C TYR D 64 0.85 -13.41 15.03
N LEU D 65 0.45 -12.15 15.18
CA LEU D 65 -0.41 -11.46 14.19
C LEU D 65 0.44 -10.60 13.24
N ASP D 66 0.29 -10.81 11.93
CA ASP D 66 1.01 -10.02 10.91
C ASP D 66 0.08 -8.95 10.34
N VAL D 67 0.45 -7.67 10.56
CA VAL D 67 -0.26 -6.50 10.05
C VAL D 67 0.63 -5.68 9.09
N GLY D 68 1.77 -6.23 8.68
CA GLY D 68 2.62 -5.55 7.73
C GLY D 68 3.61 -4.68 8.46
N ARG D 69 4.24 -3.76 7.74
CA ARG D 69 5.26 -2.87 8.31
C ARG D 69 4.55 -1.61 8.80
N ILE D 70 4.53 -1.43 10.11
CA ILE D 70 4.08 -0.18 10.68
C ILE D 70 5.32 0.62 11.07
N ASP D 71 5.39 1.89 10.66
CA ASP D 71 6.56 2.72 10.92
C ASP D 71 6.52 3.49 12.22
N ALA D 72 5.33 3.97 12.60
CA ALA D 72 5.16 4.74 13.82
C ALA D 72 3.80 4.52 14.46
N ILE D 73 3.69 4.89 15.73
CA ILE D 73 2.45 4.82 16.47
C ILE D 73 2.18 6.26 16.91
N GLY D 74 0.97 6.74 16.64
CA GLY D 74 0.61 8.09 17.13
C GLY D 74 -0.55 7.96 18.09
N GLU D 75 -0.75 8.98 18.92
CA GLU D 75 -1.89 8.94 19.85
C GLU D 75 -2.34 10.32 20.30
N CYS D 76 -3.68 10.55 20.31
CA CYS D 76 -4.27 11.82 20.79
C CYS D 76 -5.15 11.53 22.00
N TRP D 77 -5.13 12.48 22.95
CA TRP D 77 -5.94 12.47 24.15
C TRP D 77 -6.79 13.72 24.15
N PHE D 78 -8.08 13.62 24.48
CA PHE D 78 -8.97 14.82 24.56
C PHE D 78 -9.71 14.69 25.88
N ALA D 79 -9.76 15.81 26.62
CA ALA D 79 -10.36 15.86 27.96
C ALA D 79 -11.84 15.55 28.01
N SER D 80 -12.56 15.85 26.93
CA SER D 80 -14.01 15.80 26.92
C SER D 80 -14.48 15.77 25.46
N GLU D 81 -15.74 15.38 25.23
CA GLU D 81 -16.27 15.54 23.89
C GLU D 81 -16.33 16.99 23.40
N GLU D 82 -16.50 17.94 24.33
CA GLU D 82 -16.48 19.35 23.93
C GLU D 82 -15.10 19.76 23.39
N GLN D 83 -14.05 19.29 24.06
CA GLN D 83 -12.69 19.66 23.62
C GLN D 83 -12.42 19.04 22.22
N TYR D 84 -12.86 17.79 22.01
CA TYR D 84 -12.68 17.11 20.77
C TYR D 84 -13.33 17.97 19.65
N GLN D 85 -14.51 18.52 19.89
CA GLN D 85 -15.17 19.34 18.87
C GLN D 85 -14.42 20.64 18.62
N VAL D 86 -13.87 21.24 19.66
CA VAL D 86 -13.09 22.48 19.50
C VAL D 86 -11.91 22.15 18.57
N TYR D 87 -11.22 21.08 18.88
CA TYR D 87 -10.17 20.53 18.00
C TYR D 87 -10.61 20.29 16.55
N MET D 88 -11.68 19.52 16.31
CA MET D 88 -12.16 19.27 14.95
C MET D 88 -12.46 20.58 14.17
N GLU D 89 -12.91 21.62 14.86
CA GLU D 89 -13.32 22.89 14.23
CA GLU D 89 -13.30 22.86 14.18
C GLU D 89 -12.16 23.83 13.97
N SER D 90 -11.04 23.57 14.64
CA SER D 90 -9.89 24.47 14.63
C SER D 90 -9.17 24.58 13.27
N ASP D 91 -8.86 25.81 12.86
CA ASP D 91 -8.08 26.01 11.63
C ASP D 91 -6.67 25.48 11.77
N ILE D 92 -6.04 25.68 12.92
CA ILE D 92 -4.66 25.22 13.05
C ILE D 92 -4.60 23.67 13.04
N ARG D 93 -5.63 23.04 13.60
CA ARG D 93 -5.79 21.58 13.50
C ARG D 93 -5.83 21.13 12.03
N LYS D 94 -6.63 21.82 11.23
CA LYS D 94 -6.68 21.51 9.79
C LYS D 94 -5.34 21.62 9.08
N ALA D 95 -4.54 22.63 9.44
CA ALA D 95 -3.19 22.81 8.88
C ALA D 95 -2.24 21.70 9.35
N TRP D 96 -2.33 21.32 10.63
CA TRP D 96 -1.55 20.21 11.18
C TRP D 96 -1.87 18.92 10.37
N PHE D 97 -3.15 18.67 10.06
CA PHE D 97 -3.54 17.48 9.29
C PHE D 97 -2.95 17.52 7.86
N GLU D 98 -2.80 18.73 7.31
CA GLU D 98 -2.18 18.87 6.00
C GLU D 98 -0.74 18.40 6.11
N HIS D 99 -0.06 18.73 7.21
CA HIS D 99 1.29 18.17 7.41
C HIS D 99 1.22 16.63 7.49
N GLY D 100 0.20 16.12 8.17
CA GLY D 100 -0.03 14.66 8.21
C GLY D 100 -0.07 14.07 6.81
N LYS D 101 -0.73 14.76 5.87
CA LYS D 101 -0.85 14.16 4.52
C LYS D 101 0.50 14.04 3.83
N TYR D 102 1.42 14.89 4.24
CA TYR D 102 2.74 14.91 3.66
C TYR D 102 3.58 13.72 4.14
N PHE D 103 3.50 13.33 5.42
CA PHE D 103 4.44 12.32 5.95
C PHE D 103 3.78 11.02 6.33
N ILE D 104 2.44 10.93 6.19
CA ILE D 104 1.72 9.70 6.51
C ILE D 104 1.06 9.17 5.24
N GLY D 105 1.60 8.06 4.75
CA GLY D 105 1.10 7.43 3.55
C GLY D 105 -0.18 6.63 3.76
N GLN D 106 -0.25 5.90 4.86
CA GLN D 106 -1.43 5.11 5.23
C GLN D 106 -1.58 5.22 6.74
N LEU D 107 -2.83 5.29 7.22
CA LEU D 107 -3.19 5.50 8.64
C LEU D 107 -4.30 4.53 9.03
N LYS D 108 -4.18 3.95 10.22
CA LYS D 108 -5.26 3.21 10.88
C LYS D 108 -5.58 3.81 12.26
N PRO D 109 -6.77 4.40 12.42
CA PRO D 109 -7.16 4.93 13.75
C PRO D 109 -7.90 3.89 14.58
N PHE D 110 -7.62 3.85 15.89
CA PHE D 110 -8.45 3.04 16.82
C PHE D 110 -9.01 3.99 17.86
N VAL D 111 -10.33 4.07 18.01
CA VAL D 111 -10.89 4.81 19.12
C VAL D 111 -11.00 3.83 20.28
N THR D 112 -10.33 4.12 21.40
CA THR D 112 -10.25 3.15 22.48
C THR D 112 -11.25 3.42 23.58
N GLU D 113 -11.43 2.42 24.47
CA GLU D 113 -12.30 2.55 25.64
C GLU D 113 -11.55 2.00 26.83
N GLU D 114 -11.58 2.71 27.95
CA GLU D 114 -10.91 2.23 29.16
C GLU D 114 -11.68 1.10 29.84
N LEU D 115 -10.95 0.24 30.56
CA LEU D 115 -11.54 -0.95 31.21
C LEU D 115 -11.40 -0.89 32.71
N VAL D 116 -10.36 -0.20 33.18
CA VAL D 116 -10.17 0.04 34.60
C VAL D 116 -9.96 1.53 34.83
CAF 4ML E . 1.00 -9.52 26.15
CAE 4ML E . -0.02 -8.73 25.77
CAJ 4ML E . -0.63 -8.28 26.88
OAC 4ML E . -1.64 -7.58 26.86
OAH 4ML E . -0.11 -8.74 28.03
CAK 4ML E . 1.09 -9.41 27.68
CAA 4ML E . 2.34 -8.56 27.98
CAG 4ML E . 1.17 -10.74 28.40
CAI 4ML E . 0.30 -11.69 27.61
OAD 4ML E . 0.20 -11.48 26.38
OAB 4ML E . -0.32 -12.56 28.24
CAF 4ML F . 7.80 -11.35 23.97
CAE 4ML F . 6.89 -12.34 23.85
CAJ 4ML F . 5.65 -11.83 23.71
OAC 4ML F . 4.64 -12.53 23.59
OAH 4ML F . 5.64 -10.44 23.73
CAK 4ML F . 7.03 -10.02 23.88
CAA 4ML F . 7.52 -9.29 22.63
CAG 4ML F . 7.26 -9.16 25.14
CAI 4ML F . 6.68 -9.71 26.48
OAD 4ML F . 7.25 -10.70 26.98
OAB 4ML F . 5.71 -9.08 27.00
CAF 4ML G . -1.60 -6.48 -9.20
CAE 4ML G . -0.53 -6.19 -9.96
CAJ 4ML G . 0.14 -7.34 -10.18
OAC 4ML G . 1.19 -7.42 -10.77
OAH 4ML G . -0.44 -8.42 -9.67
CAK 4ML G . -1.69 -8.00 -9.08
CAA 4ML G . -2.94 -8.42 -9.88
CAG 4ML G . -1.74 -8.59 -7.68
CAI 4ML G . -0.86 -7.74 -6.82
OAD 4ML G . -0.23 -8.31 -5.94
OAB 4ML G . -0.82 -6.53 -7.13
CAF 4ML H . -8.33 -4.25 -7.34
CAE 4ML H . -7.38 -4.17 -6.41
CAJ 4ML H . -6.17 -3.87 -6.96
OAC 4ML H . -5.12 -3.74 -6.30
OAH 4ML H . -6.21 -3.80 -8.34
CAK 4ML H . -7.63 -4.01 -8.72
CAA 4ML H . -8.16 -2.72 -9.39
CAG 4ML H . -7.82 -5.23 -9.64
CAI 4ML H . -7.28 -6.53 -9.00
OAD 4ML H . -6.39 -7.21 -9.62
OAB 4ML H . -7.78 -6.86 -7.89
CAF 4ML I . 3.60 5.32 -30.46
CAE 4ML I . 2.50 5.21 -29.72
CAJ 4ML I . 1.54 4.70 -30.49
OAC 4ML I . 0.38 4.52 -30.15
OAH 4ML I . 1.91 4.47 -31.76
CAK 4ML I . 3.30 4.71 -31.82
CAA 4ML I . 4.01 3.38 -31.86
CAG 4ML I . 3.72 5.42 -33.07
CAI 4ML I . 3.25 6.83 -33.17
OAD 4ML I . 3.79 7.63 -32.43
OAB 4ML I . 2.41 7.10 -34.03
CAF 4ML J . 10.45 6.06 -31.07
CAE 4ML J . 9.82 7.18 -31.39
CAJ 4ML J . 8.88 7.50 -30.48
OAC 4ML J . 8.18 8.52 -30.56
OAH 4ML J . 8.79 6.59 -29.46
CAK 4ML J . 9.79 5.55 -29.79
CAA 4ML J . 10.79 5.30 -28.66
CAG 4ML J . 9.13 4.27 -30.19
CAI 4ML J . 9.84 3.73 -31.43
OAD 4ML J . 10.28 2.59 -31.38
OAB 4ML J . 9.89 4.46 -32.42
CAF 4ML K . -3.20 11.41 12.94
CAE 4ML K . -2.15 10.61 13.12
CAJ 4ML K . -1.15 11.32 13.65
OAC 4ML K . -0.05 10.87 13.91
OAH 4ML K . -1.46 12.62 13.91
CAK 4ML K . -2.86 12.74 13.60
CAA 4ML K . -3.72 12.74 14.87
CAG 4ML K . -3.16 14.02 12.87
CAI 4ML K . -2.85 13.96 11.39
OAD 4ML K . -2.00 14.71 11.00
OAB 4ML K . -3.51 13.17 10.71
#